data_1ZDM
#
_entry.id   1ZDM
#
_cell.length_a   53.730
_cell.length_b   53.820
_cell.length_c   161.170
_cell.angle_alpha   90.00
_cell.angle_beta   90.00
_cell.angle_gamma   90.00
#
_symmetry.space_group_name_H-M   'P 21 21 21'
#
loop_
_entity.id
_entity.type
_entity.pdbx_description
1 polymer 'Chemotaxis protein cheY'
2 non-polymer 'MANGANESE (II) ION'
3 non-polymer XENON
4 water water
#
_entity_poly.entity_id   1
_entity_poly.type   'polypeptide(L)'
_entity_poly.pdbx_seq_one_letter_code
;MADKELKFLVVDDFSTMRRIVRNLLKELGFNNVEEAEDGVDALNKLQAGGYGFVIS(BFD)WNMPNMDGLELLKTIRADG
AMSALPVLMVTAEAKKENIIAAAQAGASGYVVKPFTAATLEEKLNKIFEKLGM
;
_entity_poly.pdbx_strand_id   A,B
#
# COMPACT_ATOMS: atom_id res chain seq x y z
N ALA A 2 8.42 -19.69 -11.06
CA ALA A 2 9.44 -19.39 -10.01
C ALA A 2 10.15 -20.66 -9.53
N ASP A 3 11.35 -20.49 -8.99
CA ASP A 3 12.15 -21.60 -8.47
C ASP A 3 11.30 -22.51 -7.58
N LYS A 4 11.18 -23.78 -7.97
CA LYS A 4 10.36 -24.72 -7.21
C LYS A 4 10.89 -25.13 -5.84
N GLU A 5 12.07 -24.62 -5.49
CA GLU A 5 12.67 -24.91 -4.20
C GLU A 5 12.54 -23.71 -3.29
N LEU A 6 11.87 -22.68 -3.80
CA LEU A 6 11.63 -21.45 -3.04
C LEU A 6 10.97 -21.88 -1.72
N LYS A 7 11.45 -21.34 -0.60
CA LYS A 7 10.91 -21.71 0.69
C LYS A 7 9.79 -20.75 1.12
N PHE A 8 8.65 -21.32 1.43
CA PHE A 8 7.47 -20.58 1.85
C PHE A 8 7.23 -20.72 3.33
N LEU A 9 6.61 -19.70 3.89
CA LEU A 9 6.24 -19.70 5.29
C LEU A 9 4.76 -19.35 5.24
N VAL A 10 3.97 -20.20 5.85
CA VAL A 10 2.55 -19.99 5.82
C VAL A 10 2.08 -19.68 7.21
N VAL A 11 1.44 -18.53 7.33
CA VAL A 11 1.01 -18.08 8.65
C VAL A 11 -0.46 -17.81 8.77
N ASP A 12 -1.04 -18.40 9.79
CA ASP A 12 -2.45 -18.23 10.05
C ASP A 12 -2.61 -18.89 11.42
N ASP A 13 -3.57 -18.45 12.21
CA ASP A 13 -3.77 -19.05 13.53
C ASP A 13 -4.73 -20.25 13.48
N PHE A 14 -5.17 -20.60 12.28
CA PHE A 14 -6.06 -21.75 12.10
C PHE A 14 -5.49 -22.76 11.13
N SER A 15 -5.30 -23.97 11.63
CA SER A 15 -4.73 -25.06 10.83
C SER A 15 -5.46 -25.33 9.50
N THR A 16 -6.79 -25.23 9.50
CA THR A 16 -7.53 -25.50 8.28
C THR A 16 -7.01 -24.69 7.10
N MET A 17 -6.82 -23.39 7.31
CA MET A 17 -6.33 -22.52 6.25
C MET A 17 -4.87 -22.82 5.93
N ARG A 18 -4.05 -23.02 6.97
CA ARG A 18 -2.65 -23.33 6.73
C ARG A 18 -2.62 -24.58 5.86
N ARG A 19 -3.49 -25.53 6.19
CA ARG A 19 -3.52 -26.77 5.42
C ARG A 19 -3.92 -26.57 3.96
N ILE A 20 -4.91 -25.71 3.71
CA ILE A 20 -5.32 -25.45 2.33
C ILE A 20 -4.20 -24.81 1.53
N VAL A 21 -3.55 -23.82 2.12
CA VAL A 21 -2.47 -23.12 1.45
C VAL A 21 -1.34 -24.08 1.11
N ARG A 22 -0.92 -24.84 2.12
CA ARG A 22 0.15 -25.79 1.92
C ARG A 22 -0.19 -26.73 0.78
N ASN A 23 -1.35 -27.37 0.84
CA ASN A 23 -1.68 -28.29 -0.24
C ASN A 23 -1.68 -27.59 -1.58
N LEU A 24 -2.29 -26.42 -1.65
CA LEU A 24 -2.29 -25.66 -2.91
C LEU A 24 -0.86 -25.46 -3.42
N LEU A 25 0.06 -25.07 -2.54
CA LEU A 25 1.44 -24.85 -2.97
C LEU A 25 2.02 -26.14 -3.55
N LYS A 26 1.69 -27.27 -2.93
CA LYS A 26 2.18 -28.56 -3.41
C LYS A 26 1.75 -28.74 -4.86
N GLU A 27 0.47 -28.49 -5.14
CA GLU A 27 -0.05 -28.61 -6.50
C GLU A 27 0.77 -27.80 -7.48
N LEU A 28 1.10 -26.56 -7.08
CA LEU A 28 1.87 -25.67 -7.95
C LEU A 28 3.30 -26.13 -8.11
N GLY A 29 3.74 -27.04 -7.26
CA GLY A 29 5.10 -27.53 -7.34
C GLY A 29 6.02 -27.06 -6.23
N PHE A 30 5.47 -26.49 -5.16
CA PHE A 30 6.31 -26.02 -4.05
C PHE A 30 6.17 -26.90 -2.81
N ASN A 31 7.24 -27.61 -2.46
CA ASN A 31 7.23 -28.50 -1.29
C ASN A 31 8.01 -27.93 -0.10
N ASN A 32 8.86 -26.95 -0.36
CA ASN A 32 9.62 -26.37 0.74
C ASN A 32 8.64 -25.36 1.35
N VAL A 33 7.85 -25.85 2.30
CA VAL A 33 6.82 -25.05 2.94
C VAL A 33 6.73 -25.27 4.46
N GLU A 34 6.73 -24.19 5.22
CA GLU A 34 6.63 -24.30 6.66
C GLU A 34 5.41 -23.52 7.15
N GLU A 35 5.01 -23.76 8.38
CA GLU A 35 3.85 -23.12 8.96
C GLU A 35 4.20 -22.39 10.24
N ALA A 36 3.44 -21.34 10.53
CA ALA A 36 3.62 -20.57 11.76
C ALA A 36 2.21 -20.24 12.23
N GLU A 37 2.04 -19.99 13.51
CA GLU A 37 0.70 -19.72 14.02
C GLU A 37 0.40 -18.28 14.40
N ASP A 38 1.36 -17.40 14.22
CA ASP A 38 1.17 -15.99 14.51
C ASP A 38 2.42 -15.23 14.18
N GLY A 39 2.36 -13.91 14.36
CA GLY A 39 3.50 -13.07 14.06
C GLY A 39 4.79 -13.48 14.74
N VAL A 40 4.72 -13.65 16.07
CA VAL A 40 5.91 -14.03 16.84
C VAL A 40 6.54 -15.32 16.32
N ASP A 41 5.73 -16.38 16.29
CA ASP A 41 6.13 -17.69 15.82
C ASP A 41 6.75 -17.60 14.41
N ALA A 42 6.14 -16.75 13.59
CA ALA A 42 6.61 -16.52 12.22
C ALA A 42 7.96 -15.81 12.20
N LEU A 43 8.11 -14.74 12.98
CA LEU A 43 9.38 -14.02 13.04
C LEU A 43 10.51 -14.91 13.50
N ASN A 44 10.26 -15.78 14.46
CA ASN A 44 11.31 -16.68 14.92
C ASN A 44 11.78 -17.56 13.79
N LYS A 45 10.86 -18.18 13.05
CA LYS A 45 11.25 -19.02 11.94
C LYS A 45 11.97 -18.23 10.84
N LEU A 46 11.50 -17.01 10.55
CA LEU A 46 12.16 -16.21 9.52
C LEU A 46 13.57 -15.93 9.96
N GLN A 47 13.75 -15.77 11.28
CA GLN A 47 15.06 -15.53 11.85
C GLN A 47 15.96 -16.75 11.58
N ALA A 48 15.34 -17.92 11.49
CA ALA A 48 16.08 -19.17 11.20
C ALA A 48 16.61 -19.14 9.77
N GLY A 49 16.25 -18.09 9.02
CA GLY A 49 16.71 -17.92 7.65
C GLY A 49 16.28 -18.94 6.62
N GLY A 50 16.49 -18.60 5.35
CA GLY A 50 16.12 -19.50 4.26
C GLY A 50 14.85 -19.16 3.51
N TYR A 51 13.90 -18.50 4.18
CA TYR A 51 12.63 -18.14 3.56
C TYR A 51 12.67 -17.15 2.41
N GLY A 52 11.87 -17.44 1.38
CA GLY A 52 11.83 -16.56 0.23
C GLY A 52 10.47 -15.98 -0.08
N PHE A 53 9.45 -16.35 0.69
CA PHE A 53 8.11 -15.89 0.41
C PHE A 53 7.28 -16.08 1.70
N VAL A 54 6.29 -15.23 1.90
CA VAL A 54 5.45 -15.35 3.09
C VAL A 54 4.01 -15.13 2.69
N ILE A 55 3.16 -15.98 3.24
CA ILE A 55 1.74 -15.88 2.98
C ILE A 55 1.21 -15.76 4.38
N SER A 56 0.41 -14.74 4.60
CA SER A 56 -0.06 -14.54 5.93
C SER A 56 -1.45 -14.03 6.08
N TRP A 58 -4.29 -12.16 8.81
CA TRP A 58 -4.23 -10.90 9.49
C TRP A 58 -4.55 -11.07 10.96
N ASN A 59 -5.79 -11.50 11.25
CA ASN A 59 -6.18 -11.65 12.64
C ASN A 59 -5.60 -12.88 13.32
N MET A 60 -4.66 -12.63 14.23
CA MET A 60 -3.98 -13.68 14.96
C MET A 60 -3.49 -13.09 16.27
N PRO A 61 -3.49 -13.88 17.35
CA PRO A 61 -3.04 -13.46 18.67
C PRO A 61 -1.51 -13.30 18.65
N ASN A 62 -0.97 -12.68 19.70
CA ASN A 62 0.48 -12.46 19.86
C ASN A 62 0.98 -11.34 18.95
N MET A 63 0.82 -11.51 17.65
CA MET A 63 1.18 -10.48 16.70
C MET A 63 0.35 -10.74 15.45
N ASP A 64 -0.50 -9.77 15.09
CA ASP A 64 -1.32 -9.97 13.91
C ASP A 64 -0.52 -9.78 12.62
N GLY A 65 -1.18 -10.05 11.49
CA GLY A 65 -0.57 -9.95 10.19
C GLY A 65 -0.11 -8.59 9.71
N LEU A 66 -0.80 -7.51 10.11
CA LEU A 66 -0.37 -6.19 9.67
C LEU A 66 1.00 -5.95 10.32
N GLU A 67 1.05 -6.10 11.64
CA GLU A 67 2.27 -5.93 12.44
C GLU A 67 3.42 -6.77 11.90
N LEU A 68 3.13 -8.02 11.55
CA LEU A 68 4.15 -8.88 11.00
C LEU A 68 4.70 -8.22 9.75
N LEU A 69 3.79 -7.86 8.85
CA LEU A 69 4.18 -7.20 7.60
C LEU A 69 5.07 -5.98 7.89
N LYS A 70 4.62 -5.10 8.77
CA LYS A 70 5.39 -3.89 9.11
C LYS A 70 6.77 -4.24 9.63
N THR A 71 6.82 -5.25 10.47
CA THR A 71 8.08 -5.70 11.05
C THR A 71 9.00 -6.25 9.95
N ILE A 72 8.46 -7.05 9.04
CA ILE A 72 9.28 -7.62 7.98
C ILE A 72 9.85 -6.57 7.03
N ARG A 73 9.08 -5.54 6.71
CA ARG A 73 9.53 -4.47 5.81
C ARG A 73 10.51 -3.51 6.47
N ALA A 74 10.42 -3.40 7.79
CA ALA A 74 11.25 -2.51 8.57
C ALA A 74 12.61 -3.11 8.90
N ASP A 75 12.74 -4.43 8.77
CA ASP A 75 14.01 -5.09 9.06
C ASP A 75 14.92 -5.16 7.84
N GLY A 76 16.02 -4.41 7.89
CA GLY A 76 16.96 -4.39 6.78
C GLY A 76 17.33 -5.75 6.19
N ALA A 77 17.25 -6.79 6.99
CA ALA A 77 17.59 -8.14 6.55
C ALA A 77 16.47 -8.93 5.84
N MET A 78 15.25 -8.40 5.86
CA MET A 78 14.10 -9.07 5.22
C MET A 78 13.19 -8.09 4.46
N SER A 79 13.46 -6.80 4.61
CA SER A 79 12.64 -5.74 4.01
C SER A 79 11.92 -5.98 2.68
N ALA A 80 12.49 -6.77 1.77
CA ALA A 80 11.87 -7.01 0.46
C ALA A 80 11.25 -8.37 0.36
N LEU A 81 11.35 -9.12 1.44
CA LEU A 81 10.77 -10.45 1.47
C LEU A 81 9.33 -10.29 0.99
N PRO A 82 8.93 -11.06 -0.05
CA PRO A 82 7.57 -10.95 -0.53
C PRO A 82 6.64 -11.35 0.59
N VAL A 83 5.52 -10.65 0.72
CA VAL A 83 4.55 -10.99 1.76
C VAL A 83 3.15 -10.87 1.16
N LEU A 84 2.49 -12.00 1.04
CA LEU A 84 1.14 -12.05 0.48
C LEU A 84 0.11 -12.22 1.60
N MET A 85 -0.80 -11.25 1.70
CA MET A 85 -1.86 -11.33 2.72
C MET A 85 -3.02 -12.22 2.23
N VAL A 86 -3.45 -13.14 3.10
CA VAL A 86 -4.55 -14.04 2.83
C VAL A 86 -5.43 -13.96 4.08
N THR A 87 -6.47 -13.13 3.98
CA THR A 87 -7.33 -12.84 5.11
C THR A 87 -8.81 -12.68 4.76
N ALA A 88 -9.65 -12.75 5.80
CA ALA A 88 -11.08 -12.55 5.65
C ALA A 88 -11.44 -11.06 5.72
N GLU A 89 -10.50 -10.21 6.15
CA GLU A 89 -10.73 -8.76 6.23
C GLU A 89 -10.85 -8.22 4.82
N ALA A 90 -12.01 -7.72 4.46
CA ALA A 90 -12.21 -7.22 3.11
C ALA A 90 -12.58 -5.76 2.98
N LYS A 91 -12.63 -5.02 4.09
CA LYS A 91 -12.94 -3.61 4.01
C LYS A 91 -11.79 -2.91 3.28
N LYS A 92 -12.13 -1.89 2.48
CA LYS A 92 -11.14 -1.15 1.72
C LYS A 92 -10.13 -0.51 2.65
N GLU A 93 -10.55 -0.18 3.86
CA GLU A 93 -9.65 0.45 4.84
C GLU A 93 -8.52 -0.47 5.30
N ASN A 94 -8.78 -1.78 5.30
CA ASN A 94 -7.76 -2.70 5.74
C ASN A 94 -6.79 -3.00 4.61
N ILE A 95 -7.33 -3.00 3.39
CA ILE A 95 -6.55 -3.25 2.21
C ILE A 95 -5.57 -2.09 2.04
N ILE A 96 -6.08 -0.87 2.24
CA ILE A 96 -5.23 0.32 2.13
C ILE A 96 -4.08 0.22 3.13
N ALA A 97 -4.40 -0.05 4.38
CA ALA A 97 -3.40 -0.12 5.43
C ALA A 97 -2.32 -1.15 5.14
N ALA A 98 -2.76 -2.32 4.69
CA ALA A 98 -1.86 -3.43 4.38
C ALA A 98 -1.01 -3.06 3.18
N ALA A 99 -1.68 -2.53 2.15
CA ALA A 99 -1.01 -2.13 0.92
C ALA A 99 0.01 -1.04 1.23
N GLN A 100 -0.44 -0.02 1.97
CA GLN A 100 0.47 1.07 2.33
C GLN A 100 1.62 0.50 3.12
N ALA A 101 1.32 -0.48 3.98
CA ALA A 101 2.34 -1.11 4.79
C ALA A 101 3.32 -1.95 3.98
N GLY A 102 3.15 -1.98 2.68
CA GLY A 102 4.09 -2.76 1.89
C GLY A 102 3.66 -4.14 1.43
N ALA A 103 2.40 -4.53 1.61
CA ALA A 103 1.97 -5.85 1.14
C ALA A 103 2.26 -6.09 -0.34
N SER A 104 2.79 -7.25 -0.65
CA SER A 104 3.11 -7.63 -2.01
C SER A 104 1.82 -8.01 -2.76
N GLY A 105 0.79 -8.36 -2.00
CA GLY A 105 -0.48 -8.75 -2.59
C GLY A 105 -1.49 -8.91 -1.47
N TYR A 106 -2.77 -9.09 -1.82
CA TYR A 106 -3.83 -9.24 -0.84
C TYR A 106 -4.94 -10.12 -1.41
N VAL A 107 -5.28 -11.18 -0.69
CA VAL A 107 -6.34 -12.08 -1.11
C VAL A 107 -7.38 -12.17 0.01
N VAL A 108 -8.65 -12.12 -0.35
CA VAL A 108 -9.72 -12.19 0.64
C VAL A 108 -10.33 -13.58 0.75
N LYS A 109 -10.55 -14.03 1.97
CA LYS A 109 -11.13 -15.34 2.22
C LYS A 109 -12.65 -15.19 2.17
N PRO A 110 -13.35 -16.19 1.61
CA PRO A 110 -12.81 -17.43 1.02
C PRO A 110 -12.21 -17.18 -0.36
N PHE A 111 -11.37 -18.09 -0.81
CA PHE A 111 -10.74 -17.96 -2.12
C PHE A 111 -10.62 -19.31 -2.81
N THR A 112 -10.55 -19.28 -4.14
CA THR A 112 -10.46 -20.50 -4.92
C THR A 112 -9.00 -20.86 -5.17
N ALA A 113 -8.76 -22.08 -5.65
CA ALA A 113 -7.40 -22.51 -5.97
C ALA A 113 -6.90 -21.59 -7.07
N ALA A 114 -7.77 -21.28 -8.01
CA ALA A 114 -7.41 -20.43 -9.13
C ALA A 114 -6.93 -19.03 -8.67
N THR A 115 -7.71 -18.39 -7.80
CA THR A 115 -7.36 -17.07 -7.32
C THR A 115 -5.95 -17.00 -6.71
N LEU A 116 -5.61 -17.95 -5.84
CA LEU A 116 -4.31 -17.98 -5.19
C LEU A 116 -3.16 -18.02 -6.18
N GLU A 117 -3.18 -19.02 -7.04
CA GLU A 117 -2.15 -19.22 -8.06
C GLU A 117 -1.98 -17.95 -8.89
N GLU A 118 -3.10 -17.34 -9.23
CA GLU A 118 -3.14 -16.13 -10.02
C GLU A 118 -2.37 -14.99 -9.30
N LYS A 119 -2.66 -14.82 -8.01
CA LYS A 119 -2.01 -13.78 -7.22
C LYS A 119 -0.52 -14.06 -7.01
N LEU A 120 -0.18 -15.32 -6.74
CA LEU A 120 1.21 -15.69 -6.56
C LEU A 120 1.99 -15.36 -7.82
N ASN A 121 1.46 -15.77 -8.98
CA ASN A 121 2.15 -15.49 -10.22
C ASN A 121 2.23 -14.00 -10.47
N LYS A 122 1.25 -13.24 -9.98
CA LYS A 122 1.27 -11.81 -10.18
C LYS A 122 2.48 -11.27 -9.43
N ILE A 123 2.66 -11.75 -8.20
CA ILE A 123 3.79 -11.31 -7.40
C ILE A 123 5.12 -11.79 -8.00
N PHE A 124 5.16 -13.02 -8.48
CA PHE A 124 6.40 -13.52 -9.10
C PHE A 124 6.77 -12.61 -10.25
N GLU A 125 5.77 -12.31 -11.08
CA GLU A 125 5.92 -11.50 -12.28
C GLU A 125 6.52 -10.11 -12.03
N LYS A 126 6.13 -9.48 -10.93
CA LYS A 126 6.64 -8.16 -10.65
C LYS A 126 8.02 -8.20 -10.01
N LEU A 127 8.36 -9.32 -9.38
CA LEU A 127 9.68 -9.42 -8.75
C LEU A 127 10.67 -10.14 -9.66
N GLY A 128 10.21 -10.55 -10.83
CA GLY A 128 11.06 -11.26 -11.76
C GLY A 128 11.55 -12.56 -11.18
N MET A 129 10.64 -13.32 -10.58
CA MET A 129 10.97 -14.60 -9.97
C MET A 129 10.61 -15.75 -10.90
N ALA B 2 2.65 19.75 11.77
CA ALA B 2 3.17 20.24 10.45
C ALA B 2 3.10 21.75 10.38
N ASP B 3 4.05 22.36 9.68
CA ASP B 3 4.11 23.81 9.54
C ASP B 3 2.92 24.39 8.77
N LYS B 4 2.14 25.22 9.45
CA LYS B 4 0.95 25.86 8.88
C LYS B 4 1.20 26.58 7.56
N GLU B 5 2.47 26.78 7.22
CA GLU B 5 2.83 27.46 5.98
C GLU B 5 3.15 26.49 4.85
N LEU B 6 3.05 25.20 5.16
CA LEU B 6 3.30 24.15 4.18
C LEU B 6 2.48 24.44 2.92
N LYS B 7 3.09 24.30 1.75
CA LYS B 7 2.38 24.59 0.51
C LYS B 7 1.78 23.33 -0.09
N PHE B 8 0.45 23.32 -0.22
CA PHE B 8 -0.27 22.17 -0.79
C PHE B 8 -0.66 22.32 -2.25
N LEU B 9 -0.60 21.21 -2.97
CA LEU B 9 -1.04 21.21 -4.34
C LEU B 9 -2.19 20.24 -4.35
N VAL B 10 -3.35 20.73 -4.75
CA VAL B 10 -4.52 19.87 -4.79
C VAL B 10 -4.79 19.57 -6.22
N VAL B 11 -4.82 18.28 -6.55
CA VAL B 11 -5.04 17.89 -7.91
C VAL B 11 -6.28 17.06 -8.12
N ASP B 12 -7.16 17.58 -8.95
CA ASP B 12 -8.38 16.89 -9.28
C ASP B 12 -8.93 17.61 -10.52
N ASP B 13 -9.57 16.86 -11.39
CA ASP B 13 -10.14 17.40 -12.62
C ASP B 13 -11.56 17.88 -12.39
N PHE B 14 -12.03 17.74 -11.16
CA PHE B 14 -13.38 18.21 -10.84
C PHE B 14 -13.28 19.30 -9.79
N SER B 15 -13.72 20.49 -10.20
CA SER B 15 -13.70 21.67 -9.35
C SER B 15 -14.36 21.42 -7.99
N THR B 16 -15.44 20.66 -7.97
CA THR B 16 -16.11 20.40 -6.70
C THR B 16 -15.21 19.70 -5.67
N MET B 17 -14.40 18.75 -6.12
CA MET B 17 -13.50 18.04 -5.19
C MET B 17 -12.32 18.92 -4.75
N ARG B 18 -11.76 19.70 -5.67
CA ARG B 18 -10.65 20.58 -5.31
C ARG B 18 -11.20 21.51 -4.26
N ARG B 19 -12.44 21.93 -4.47
CA ARG B 19 -13.10 22.83 -3.54
C ARG B 19 -13.21 22.18 -2.16
N ILE B 20 -13.78 20.99 -2.11
CA ILE B 20 -13.90 20.28 -0.83
C ILE B 20 -12.56 20.11 -0.11
N VAL B 21 -11.50 19.82 -0.87
CA VAL B 21 -10.20 19.61 -0.24
C VAL B 21 -9.56 20.89 0.26
N ARG B 22 -9.61 21.93 -0.55
CA ARG B 22 -9.04 23.21 -0.15
C ARG B 22 -9.71 23.64 1.13
N ASN B 23 -11.04 23.70 1.12
CA ASN B 23 -11.75 24.08 2.34
C ASN B 23 -11.35 23.17 3.50
N LEU B 24 -11.26 21.86 3.28
CA LEU B 24 -10.85 21.01 4.39
C LEU B 24 -9.49 21.46 4.92
N LEU B 25 -8.60 21.81 4.01
CA LEU B 25 -7.27 22.25 4.38
C LEU B 25 -7.27 23.54 5.21
N LYS B 26 -8.01 24.56 4.77
CA LYS B 26 -8.07 25.81 5.52
C LYS B 26 -8.56 25.60 6.95
N GLU B 27 -9.56 24.73 7.10
CA GLU B 27 -10.12 24.42 8.41
C GLU B 27 -9.01 23.93 9.31
N LEU B 28 -8.14 23.08 8.75
CA LEU B 28 -7.03 22.54 9.50
C LEU B 28 -5.94 23.58 9.68
N GLY B 29 -6.16 24.76 9.14
CA GLY B 29 -5.18 25.84 9.29
C GLY B 29 -4.17 26.01 8.16
N PHE B 30 -4.29 25.21 7.11
CA PHE B 30 -3.36 25.32 5.99
C PHE B 30 -3.94 26.21 4.91
N ASN B 31 -3.42 27.42 4.78
CA ASN B 31 -3.92 28.36 3.79
C ASN B 31 -3.08 28.46 2.51
N ASN B 32 -1.82 28.06 2.62
CA ASN B 32 -0.90 28.09 1.49
C ASN B 32 -1.24 26.87 0.62
N VAL B 33 -2.26 27.05 -0.23
CA VAL B 33 -2.78 25.99 -1.10
C VAL B 33 -3.04 26.44 -2.55
N GLU B 34 -2.76 25.55 -3.49
CA GLU B 34 -2.98 25.78 -4.94
C GLU B 34 -3.64 24.56 -5.57
N GLU B 35 -4.36 24.79 -6.67
CA GLU B 35 -5.06 23.75 -7.42
C GLU B 35 -4.45 23.46 -8.80
N ALA B 36 -4.78 22.29 -9.33
CA ALA B 36 -4.35 21.81 -10.63
C ALA B 36 -5.43 20.85 -11.09
N GLU B 37 -5.70 20.82 -12.38
CA GLU B 37 -6.76 19.95 -12.92
C GLU B 37 -6.29 18.64 -13.58
N ASP B 38 -4.98 18.40 -13.57
CA ASP B 38 -4.43 17.17 -14.12
C ASP B 38 -2.92 17.08 -13.85
N GLY B 39 -2.35 15.92 -14.12
CA GLY B 39 -0.93 15.71 -13.90
C GLY B 39 0.02 16.70 -14.57
N VAL B 40 -0.26 17.06 -15.82
CA VAL B 40 0.61 18.00 -16.51
C VAL B 40 0.54 19.33 -15.80
N ASP B 41 -0.69 19.82 -15.62
CA ASP B 41 -0.90 21.09 -14.96
C ASP B 41 -0.22 21.00 -13.60
N ALA B 42 -0.38 19.85 -12.95
CA ALA B 42 0.23 19.64 -11.65
C ALA B 42 1.77 19.73 -11.70
N LEU B 43 2.39 18.97 -12.59
CA LEU B 43 3.85 18.98 -12.74
C LEU B 43 4.41 20.37 -13.02
N ASN B 44 3.67 21.17 -13.77
CA ASN B 44 4.10 22.53 -14.05
C ASN B 44 4.13 23.38 -12.79
N LYS B 45 3.09 23.28 -11.96
CA LYS B 45 3.08 24.07 -10.74
C LYS B 45 4.16 23.56 -9.79
N LEU B 46 4.41 22.26 -9.83
CA LEU B 46 5.44 21.70 -8.98
C LEU B 46 6.77 22.19 -9.55
N GLN B 47 6.77 22.43 -10.86
CA GLN B 47 7.95 22.92 -11.57
C GLN B 47 8.34 24.28 -10.97
N ALA B 48 7.36 25.16 -10.87
CA ALA B 48 7.55 26.50 -10.31
C ALA B 48 8.15 26.43 -8.91
N GLY B 49 8.11 25.23 -8.31
CA GLY B 49 8.66 25.00 -6.99
C GLY B 49 7.89 25.56 -5.82
N GLY B 50 8.24 25.09 -4.61
CA GLY B 50 7.59 25.55 -3.39
C GLY B 50 6.75 24.53 -2.64
N TYR B 51 6.03 23.70 -3.39
CA TYR B 51 5.16 22.69 -2.82
C TYR B 51 5.85 21.67 -1.95
N GLY B 52 5.23 21.39 -0.80
CA GLY B 52 5.79 20.43 0.13
C GLY B 52 4.86 19.28 0.43
N PHE B 53 3.71 19.24 -0.26
CA PHE B 53 2.73 18.16 -0.07
C PHE B 53 1.78 18.15 -1.26
N VAL B 54 1.42 16.97 -1.73
CA VAL B 54 0.50 16.84 -2.86
C VAL B 54 -0.68 15.93 -2.55
N ILE B 55 -1.88 16.38 -2.90
CA ILE B 55 -3.08 15.58 -2.69
C ILE B 55 -3.61 15.44 -4.07
N SER B 56 -3.83 14.20 -4.50
CA SER B 56 -4.29 14.02 -5.86
C SER B 56 -5.25 12.90 -6.13
N TRP B 58 -7.09 10.30 -9.09
CA TRP B 58 -6.50 9.32 -9.95
C TRP B 58 -6.96 9.54 -11.38
N ASN B 59 -8.24 9.31 -11.61
CA ASN B 59 -8.77 9.45 -12.96
C ASN B 59 -8.88 10.90 -13.45
N MET B 60 -7.93 11.29 -14.31
CA MET B 60 -7.85 12.63 -14.87
C MET B 60 -7.21 12.56 -16.25
N PRO B 61 -7.70 13.36 -17.22
CA PRO B 61 -7.13 13.36 -18.56
C PRO B 61 -5.75 14.06 -18.60
N ASN B 62 -5.05 13.89 -19.73
CA ASN B 62 -3.72 14.46 -19.99
C ASN B 62 -2.63 13.70 -19.24
N MET B 63 -2.91 13.38 -17.98
CA MET B 63 -2.00 12.57 -17.16
C MET B 63 -2.74 12.26 -15.88
N ASP B 64 -3.10 11.00 -15.70
CA ASP B 64 -3.81 10.60 -14.50
C ASP B 64 -2.88 10.62 -13.29
N GLY B 65 -3.47 10.49 -12.11
CA GLY B 65 -2.73 10.54 -10.87
C GLY B 65 -1.70 9.46 -10.62
N LEU B 66 -1.92 8.25 -11.13
CA LEU B 66 -0.95 7.17 -10.91
C LEU B 66 0.31 7.62 -11.66
N GLU B 67 0.12 8.09 -12.90
CA GLU B 67 1.25 8.57 -13.70
C GLU B 67 1.93 9.74 -12.98
N LEU B 68 1.12 10.64 -12.43
CA LEU B 68 1.66 11.79 -11.73
C LEU B 68 2.55 11.29 -10.62
N LEU B 69 2.00 10.43 -9.77
CA LEU B 69 2.75 9.87 -8.67
C LEU B 69 4.07 9.21 -9.18
N LYS B 70 3.97 8.30 -10.13
CA LYS B 70 5.19 7.64 -10.63
C LYS B 70 6.22 8.65 -11.13
N THR B 71 5.74 9.75 -11.72
CA THR B 71 6.62 10.78 -12.25
C THR B 71 7.34 11.53 -11.13
N ILE B 72 6.61 11.87 -10.06
CA ILE B 72 7.17 12.55 -8.91
C ILE B 72 8.26 11.70 -8.24
N ARG B 73 8.01 10.39 -8.17
CA ARG B 73 8.94 9.48 -7.55
C ARG B 73 10.18 9.14 -8.39
N ALA B 74 10.15 9.46 -9.68
CA ALA B 74 11.29 9.18 -10.53
C ALA B 74 12.10 10.44 -10.79
N ASP B 75 11.62 11.57 -10.28
CA ASP B 75 12.31 12.83 -10.47
C ASP B 75 13.25 13.09 -9.28
N GLY B 76 14.55 13.17 -9.54
CA GLY B 76 15.51 13.39 -8.47
C GLY B 76 15.26 14.56 -7.54
N ALA B 77 14.57 15.58 -8.03
CA ALA B 77 14.26 16.76 -7.23
C ALA B 77 13.03 16.56 -6.34
N MET B 78 12.00 15.93 -6.89
CA MET B 78 10.75 15.70 -6.18
C MET B 78 10.62 14.35 -5.47
N SER B 79 11.24 13.34 -6.07
CA SER B 79 11.20 11.94 -5.61
C SER B 79 10.57 11.59 -4.26
N ALA B 80 10.85 12.39 -3.22
CA ALA B 80 10.31 12.09 -1.90
C ALA B 80 9.10 12.94 -1.48
N LEU B 81 8.67 13.86 -2.33
CA LEU B 81 7.54 14.75 -2.04
C LEU B 81 6.29 13.91 -1.71
N PRO B 82 5.65 14.20 -0.56
CA PRO B 82 4.44 13.48 -0.11
C PRO B 82 3.32 13.54 -1.12
N VAL B 83 2.73 12.39 -1.41
CA VAL B 83 1.62 12.37 -2.34
C VAL B 83 0.51 11.53 -1.74
N LEU B 84 -0.61 12.18 -1.46
CA LEU B 84 -1.77 11.51 -0.90
C LEU B 84 -2.80 11.34 -2.02
N MET B 85 -3.19 10.10 -2.30
CA MET B 85 -4.18 9.80 -3.33
C MET B 85 -5.57 9.89 -2.71
N VAL B 86 -6.47 10.63 -3.36
CA VAL B 86 -7.84 10.78 -2.91
C VAL B 86 -8.62 10.48 -4.17
N THR B 87 -9.14 9.26 -4.25
CA THR B 87 -9.81 8.81 -5.46
C THR B 87 -11.01 7.93 -5.23
N ALA B 88 -11.81 7.81 -6.27
CA ALA B 88 -13.00 6.98 -6.24
C ALA B 88 -12.60 5.55 -6.56
N GLU B 89 -11.35 5.37 -6.97
CA GLU B 89 -10.82 4.07 -7.32
C GLU B 89 -10.68 3.18 -6.10
N ALA B 90 -11.35 2.03 -6.10
CA ALA B 90 -11.29 1.15 -4.93
C ALA B 90 -10.93 -0.30 -5.17
N LYS B 91 -10.56 -0.68 -6.39
CA LYS B 91 -10.19 -2.08 -6.63
C LYS B 91 -8.87 -2.34 -5.97
N LYS B 92 -8.86 -3.26 -5.00
CA LYS B 92 -7.66 -3.65 -4.24
C LYS B 92 -6.41 -3.68 -5.09
N GLU B 93 -6.59 -4.14 -6.32
CA GLU B 93 -5.52 -4.25 -7.30
C GLU B 93 -4.88 -2.89 -7.48
N ASN B 94 -5.73 -1.89 -7.61
CA ASN B 94 -5.28 -0.53 -7.78
C ASN B 94 -4.76 0.07 -6.50
N ILE B 95 -5.39 -0.26 -5.38
CA ILE B 95 -4.93 0.24 -4.11
C ILE B 95 -3.47 -0.21 -4.03
N ILE B 96 -3.26 -1.51 -4.21
CA ILE B 96 -1.92 -2.07 -4.15
C ILE B 96 -0.97 -1.39 -5.14
N ALA B 97 -1.42 -1.20 -6.38
CA ALA B 97 -0.57 -0.56 -7.38
C ALA B 97 -0.09 0.84 -6.97
N ALA B 98 -1.01 1.68 -6.51
CA ALA B 98 -0.65 3.04 -6.10
C ALA B 98 0.40 2.98 -5.02
N ALA B 99 0.19 2.11 -4.03
CA ALA B 99 1.12 1.94 -2.93
C ALA B 99 2.48 1.46 -3.47
N GLN B 100 2.45 0.44 -4.33
CA GLN B 100 3.67 -0.08 -4.92
C GLN B 100 4.32 1.05 -5.73
N ALA B 101 3.49 1.95 -6.25
CA ALA B 101 4.03 3.06 -7.05
C ALA B 101 4.59 4.18 -6.19
N GLY B 102 4.43 4.06 -4.87
CA GLY B 102 4.98 5.08 -4.00
C GLY B 102 4.02 6.02 -3.27
N ALA B 103 2.72 5.77 -3.33
CA ALA B 103 1.77 6.64 -2.62
C ALA B 103 2.12 6.84 -1.15
N SER B 104 1.95 8.06 -0.66
CA SER B 104 2.23 8.34 0.75
C SER B 104 1.02 7.91 1.56
N GLY B 105 -0.11 7.82 0.89
CA GLY B 105 -1.34 7.44 1.56
C GLY B 105 -2.44 7.29 0.52
N TYR B 106 -3.57 6.75 0.95
CA TYR B 106 -4.67 6.51 0.03
C TYR B 106 -6.04 6.69 0.71
N VAL B 107 -6.91 7.47 0.07
CA VAL B 107 -8.24 7.73 0.59
C VAL B 107 -9.27 7.46 -0.50
N VAL B 108 -10.33 6.73 -0.20
CA VAL B 108 -11.36 6.50 -1.22
C VAL B 108 -12.54 7.49 -1.08
N LYS B 109 -13.10 7.95 -2.20
CA LYS B 109 -14.25 8.86 -2.20
C LYS B 109 -15.53 8.04 -2.19
N PRO B 110 -16.56 8.51 -1.47
CA PRO B 110 -16.59 9.74 -0.67
C PRO B 110 -15.81 9.52 0.62
N PHE B 111 -15.29 10.61 1.17
CA PHE B 111 -14.53 10.53 2.40
C PHE B 111 -15.00 11.64 3.31
N THR B 112 -14.82 11.49 4.60
CA THR B 112 -15.25 12.52 5.54
C THR B 112 -14.10 13.42 5.89
N ALA B 113 -14.45 14.57 6.46
CA ALA B 113 -13.48 15.56 6.89
C ALA B 113 -12.53 14.85 7.85
N ALA B 114 -13.11 14.09 8.78
CA ALA B 114 -12.31 13.37 9.78
C ALA B 114 -11.25 12.49 9.15
N THR B 115 -11.67 11.69 8.18
CA THR B 115 -10.79 10.80 7.46
C THR B 115 -9.61 11.55 6.84
N LEU B 116 -9.89 12.67 6.18
CA LEU B 116 -8.83 13.45 5.56
C LEU B 116 -7.81 13.87 6.60
N GLU B 117 -8.29 14.37 7.73
CA GLU B 117 -7.41 14.79 8.80
C GLU B 117 -6.55 13.66 9.36
N GLU B 118 -7.13 12.49 9.54
CA GLU B 118 -6.35 11.37 10.07
C GLU B 118 -5.27 11.08 9.04
N LYS B 119 -5.71 10.88 7.80
CA LYS B 119 -4.82 10.58 6.68
C LYS B 119 -3.64 11.54 6.60
N LEU B 120 -3.90 12.84 6.61
CA LEU B 120 -2.82 13.82 6.55
C LEU B 120 -1.90 13.62 7.75
N ASN B 121 -2.48 13.52 8.93
CA ASN B 121 -1.69 13.33 10.12
C ASN B 121 -0.88 12.04 10.10
N LYS B 122 -1.47 10.97 9.61
CA LYS B 122 -0.74 9.70 9.56
C LYS B 122 0.51 9.86 8.70
N ILE B 123 0.45 10.78 7.75
CA ILE B 123 1.56 11.04 6.85
C ILE B 123 2.57 11.98 7.49
N PHE B 124 2.10 13.07 8.12
CA PHE B 124 3.02 14.00 8.76
C PHE B 124 3.83 13.19 9.78
N GLU B 125 3.12 12.33 10.50
CA GLU B 125 3.74 11.49 11.52
C GLU B 125 4.91 10.70 10.95
N LYS B 126 4.64 9.81 10.02
CA LYS B 126 5.70 8.98 9.46
C LYS B 126 6.86 9.72 8.78
N LEU B 127 6.67 10.99 8.47
CA LEU B 127 7.74 11.76 7.85
C LEU B 127 8.29 12.83 8.78
N GLY B 128 7.91 12.77 10.05
CA GLY B 128 8.38 13.75 11.00
C GLY B 128 8.20 15.18 10.53
N MET B 129 6.95 15.55 10.24
CA MET B 129 6.63 16.89 9.77
C MET B 129 5.80 17.63 10.81
#